data_7RNE
#
_entry.id   7RNE
#
_cell.length_a   68.103
_cell.length_b   84.160
_cell.length_c   96.333
_cell.angle_alpha   90.000
_cell.angle_beta   90.000
_cell.angle_gamma   90.000
#
_symmetry.space_group_name_H-M   'P 21 21 21'
#
loop_
_entity.id
_entity.type
_entity.pdbx_description
1 polymer 'Caspase-3 subunit p17'
2 polymer 'Caspase-3 subunit p12'
3 polymer Ac-YKPVD-CHO
4 water water
#
loop_
_entity_poly.entity_id
_entity_poly.type
_entity_poly.pdbx_seq_one_letter_code
_entity_poly.pdbx_strand_id
1 'polypeptide(L)'
;DNSYKMDYPEMGLCIIINNKNFHKSTGMTSRSGTDVDAANLRETFRNLKYEVRNKNDLTREEIVELMRDVSKEDHSKRSS
FVCVLLSHGEEGIIFGTNGPVDLKKITNFFRGDRCRSLTGKPKLFIIQACRGTELDCGIET
;
A,C
2 'polypeptide(L)'
;CHKIPVEADFLYAYSTAPGYYSWRNSKDGSWFIQSLCAMLKQYADKLEFMHILTRVNRKVATEFESFSFDATFHAKKQIP
CIVSMLTKELYFYHH
;
B,D
3 'polypeptide(L)' (ACE)YKPV(ASA) F,G
#
loop_
_chem_comp.id
_chem_comp.type
_chem_comp.name
_chem_comp.formula
ACE non-polymer 'ACETYL GROUP' 'C2 H4 O'
#
# COMPACT_ATOMS: atom_id res chain seq x y z
N ASP A 1 -5.34 -14.32 -17.56
CA ASP A 1 -3.99 -14.73 -17.15
C ASP A 1 -3.33 -13.76 -16.17
N ASN A 2 -3.17 -12.49 -16.57
CA ASN A 2 -2.67 -11.46 -15.66
C ASN A 2 -3.78 -10.46 -15.32
N SER A 3 -4.99 -10.96 -15.19
CA SER A 3 -6.18 -10.13 -15.11
C SER A 3 -7.27 -10.94 -14.44
N TYR A 4 -7.91 -10.36 -13.41
CA TYR A 4 -9.01 -11.03 -12.72
C TYR A 4 -10.19 -11.24 -13.65
N LYS A 5 -10.73 -12.45 -13.61
CA LYS A 5 -11.97 -12.77 -14.32
C LYS A 5 -13.13 -12.01 -13.72
N MET A 6 -13.72 -11.09 -14.50
CA MET A 6 -14.90 -10.34 -14.10
C MET A 6 -16.15 -10.76 -14.89
N ASP A 7 -16.08 -11.92 -15.55
CA ASP A 7 -17.16 -12.53 -16.34
C ASP A 7 -18.15 -13.33 -15.52
N TYR A 8 -17.97 -13.42 -14.20
CA TYR A 8 -18.92 -14.16 -13.39
C TYR A 8 -20.31 -13.53 -13.53
N PRO A 9 -21.36 -14.29 -13.21
CA PRO A 9 -22.72 -13.73 -13.37
C PRO A 9 -22.96 -12.46 -12.57
N GLU A 10 -22.39 -12.36 -11.37
CA GLU A 10 -22.47 -11.16 -10.56
C GLU A 10 -21.09 -10.51 -10.41
N MET A 11 -21.06 -9.18 -10.39
CA MET A 11 -19.82 -8.50 -10.03
C MET A 11 -19.49 -8.73 -8.57
N GLY A 12 -20.52 -8.79 -7.73
CA GLY A 12 -20.35 -9.07 -6.32
C GLY A 12 -20.98 -7.99 -5.45
N LEU A 13 -20.94 -8.23 -4.15
CA LEU A 13 -21.49 -7.27 -3.22
C LEU A 13 -20.58 -6.07 -3.02
N CYS A 14 -21.21 -4.95 -2.74
CA CYS A 14 -20.54 -3.75 -2.30
C CYS A 14 -21.23 -3.36 -0.99
N ILE A 15 -20.53 -3.50 0.12
CA ILE A 15 -21.09 -3.19 1.44
C ILE A 15 -20.60 -1.81 1.86
N ILE A 16 -21.52 -0.90 2.15
CA ILE A 16 -21.16 0.41 2.67
C ILE A 16 -21.65 0.54 4.11
N ILE A 17 -20.71 0.64 5.04
CA ILE A 17 -21.00 0.90 6.44
C ILE A 17 -20.81 2.40 6.68
N ASN A 18 -21.91 3.08 6.98
CA ASN A 18 -21.95 4.53 7.09
C ASN A 18 -22.26 4.89 8.53
N ASN A 19 -21.24 5.36 9.26
CA ASN A 19 -21.35 5.65 10.68
C ASN A 19 -21.22 7.15 10.91
N LYS A 20 -22.36 7.83 10.99
CA LYS A 20 -22.40 9.28 11.20
C LYS A 20 -22.53 9.65 12.66
N ASN A 21 -23.31 8.91 13.43
CA ASN A 21 -23.70 9.29 14.79
C ASN A 21 -23.12 8.30 15.79
N PHE A 22 -22.32 8.81 16.71
CA PHE A 22 -21.59 8.00 17.68
C PHE A 22 -22.10 8.25 19.10
N HIS A 23 -21.95 7.21 19.93
CA HIS A 23 -22.27 7.29 21.35
C HIS A 23 -21.50 8.42 22.03
N LYS A 24 -22.20 9.14 22.92
CA LYS A 24 -21.55 10.21 23.67
C LYS A 24 -20.36 9.70 24.49
N SER A 25 -20.35 8.40 24.84
CA SER A 25 -19.22 7.84 25.58
C SER A 25 -17.93 7.91 24.77
N THR A 26 -18.01 7.68 23.45
CA THR A 26 -16.80 7.69 22.63
C THR A 26 -16.14 9.06 22.63
N GLY A 27 -16.93 10.12 22.76
CA GLY A 27 -16.45 11.47 22.57
C GLY A 27 -16.27 11.87 21.11
N MET A 28 -16.44 10.94 20.19
CA MET A 28 -16.34 11.25 18.78
C MET A 28 -17.58 12.02 18.33
N THR A 29 -17.36 13.03 17.49
CA THR A 29 -18.41 13.92 17.04
C THR A 29 -19.16 13.30 15.85
N SER A 30 -20.26 13.94 15.46
CA SER A 30 -20.95 13.52 14.25
C SER A 30 -20.08 13.78 13.02
N ARG A 31 -20.30 12.99 11.98
CA ARG A 31 -19.48 13.05 10.77
C ARG A 31 -20.32 13.61 9.64
N SER A 32 -20.54 14.92 9.64
CA SER A 32 -21.40 15.50 8.61
C SER A 32 -20.71 15.46 7.25
N GLY A 33 -21.53 15.34 6.19
CA GLY A 33 -21.07 15.08 4.85
C GLY A 33 -21.11 13.60 4.45
N THR A 34 -21.02 12.70 5.44
CA THR A 34 -20.86 11.28 5.12
C THR A 34 -22.08 10.70 4.41
N ASP A 35 -23.27 11.24 4.64
CA ASP A 35 -24.43 10.76 3.87
C ASP A 35 -24.27 11.07 2.40
N VAL A 36 -23.58 12.16 2.06
CA VAL A 36 -23.35 12.43 0.65
C VAL A 36 -22.43 11.38 0.07
N ASP A 37 -21.47 10.90 0.87
CA ASP A 37 -20.55 9.88 0.40
C ASP A 37 -21.26 8.55 0.21
N ALA A 38 -22.06 8.14 1.21
CA ALA A 38 -22.81 6.90 1.09
C ALA A 38 -23.73 6.92 -0.13
N ALA A 39 -24.39 8.06 -0.36
CA ALA A 39 -25.22 8.22 -1.55
C ALA A 39 -24.36 8.16 -2.80
N ASN A 40 -23.22 8.86 -2.79
CA ASN A 40 -22.32 8.86 -3.93
C ASN A 40 -21.84 7.46 -4.26
N LEU A 41 -21.37 6.71 -3.26
CA LEU A 41 -20.85 5.37 -3.51
C LEU A 41 -21.91 4.46 -4.10
N ARG A 42 -23.14 4.54 -3.57
CA ARG A 42 -24.20 3.66 -4.04
C ARG A 42 -24.46 3.85 -5.53
N GLU A 43 -24.50 5.10 -5.99
CA GLU A 43 -24.73 5.33 -7.41
C GLU A 43 -23.54 4.85 -8.24
N THR A 44 -22.32 5.11 -7.77
CA THR A 44 -21.13 4.70 -8.51
C THR A 44 -21.09 3.19 -8.68
N PHE A 45 -21.16 2.46 -7.57
CA PHE A 45 -21.04 1.01 -7.65
C PHE A 45 -22.24 0.38 -8.31
N ARG A 46 -23.37 1.07 -8.34
CA ARG A 46 -24.51 0.59 -9.12
C ARG A 46 -24.22 0.58 -10.61
N ASN A 47 -23.42 1.54 -11.10
CA ASN A 47 -23.02 1.51 -12.51
C ASN A 47 -21.86 0.56 -12.75
N LEU A 48 -21.13 0.19 -11.71
CA LEU A 48 -20.17 -0.89 -11.84
C LEU A 48 -20.84 -2.25 -11.74
N LYS A 49 -22.17 -2.26 -11.56
CA LYS A 49 -23.04 -3.45 -11.55
C LYS A 49 -22.84 -4.31 -10.30
N TYR A 50 -22.62 -3.67 -9.15
CA TYR A 50 -22.52 -4.34 -7.85
C TYR A 50 -23.86 -4.30 -7.11
N GLU A 51 -24.24 -5.42 -6.50
CA GLU A 51 -25.33 -5.41 -5.53
C GLU A 51 -24.87 -4.57 -4.36
N VAL A 52 -25.29 -3.32 -4.32
CA VAL A 52 -24.92 -2.41 -3.23
C VAL A 52 -25.87 -2.62 -2.05
N ARG A 53 -25.31 -2.83 -0.87
CA ARG A 53 -26.09 -2.88 0.36
C ARG A 53 -25.55 -1.82 1.32
N ASN A 54 -26.35 -0.78 1.57
CA ASN A 54 -25.95 0.27 2.50
C ASN A 54 -26.47 -0.06 3.89
N LYS A 55 -25.60 0.11 4.88
CA LYS A 55 -25.94 -0.04 6.29
C LYS A 55 -25.56 1.26 7.02
N ASN A 56 -26.30 1.59 8.09
CA ASN A 56 -26.13 2.87 8.76
C ASN A 56 -26.01 2.72 10.27
N ASP A 57 -25.11 3.51 10.85
CA ASP A 57 -24.87 3.57 12.28
C ASP A 57 -24.86 2.20 12.95
N LEU A 58 -23.83 1.40 12.64
CA LEU A 58 -23.67 0.09 13.25
C LEU A 58 -22.74 0.19 14.45
N THR A 59 -23.11 -0.51 15.52
CA THR A 59 -22.18 -0.72 16.62
C THR A 59 -21.04 -1.63 16.17
N ARG A 60 -19.97 -1.67 16.99
CA ARG A 60 -18.79 -2.43 16.62
C ARG A 60 -19.06 -3.92 16.63
N GLU A 61 -20.02 -4.37 17.44
CA GLU A 61 -20.44 -5.76 17.36
C GLU A 61 -21.27 -6.01 16.10
N GLU A 62 -22.17 -5.08 15.76
CA GLU A 62 -22.94 -5.23 14.54
C GLU A 62 -22.03 -5.35 13.31
N ILE A 63 -20.95 -4.56 13.28
CA ILE A 63 -20.01 -4.62 12.16
C ILE A 63 -19.40 -6.01 12.05
N VAL A 64 -18.83 -6.49 13.15
CA VAL A 64 -18.18 -7.80 13.15
C VAL A 64 -19.19 -8.89 12.79
N GLU A 65 -20.41 -8.80 13.34
CA GLU A 65 -21.43 -9.80 13.01
C GLU A 65 -21.87 -9.68 11.57
N LEU A 66 -22.05 -8.45 11.08
CA LEU A 66 -22.40 -8.26 9.68
C LEU A 66 -21.36 -8.88 8.76
N MET A 67 -20.09 -8.52 8.98
CA MET A 67 -19.02 -8.97 8.11
C MET A 67 -18.83 -10.48 8.19
N ARG A 68 -19.03 -11.08 9.36
CA ARG A 68 -18.95 -12.52 9.47
C ARG A 68 -20.08 -13.19 8.67
N ASP A 69 -21.28 -12.60 8.71
CA ASP A 69 -22.40 -13.13 7.93
C ASP A 69 -22.13 -13.03 6.44
N VAL A 70 -21.81 -11.83 5.95
CA VAL A 70 -21.38 -11.63 4.58
C VAL A 70 -20.23 -12.58 4.22
N SER A 71 -19.33 -12.83 5.19
CA SER A 71 -18.25 -13.78 4.99
C SER A 71 -18.77 -15.18 4.66
N LYS A 72 -19.88 -15.58 5.28
CA LYS A 72 -20.37 -16.94 5.19
C LYS A 72 -21.32 -17.17 4.01
N GLU A 73 -21.56 -16.16 3.17
CA GLU A 73 -22.38 -16.37 1.99
C GLU A 73 -21.60 -17.13 0.91
N ASP A 74 -22.32 -17.51 -0.14
CA ASP A 74 -21.73 -18.23 -1.27
C ASP A 74 -21.46 -17.22 -2.38
N HIS A 75 -20.20 -16.87 -2.57
CA HIS A 75 -19.82 -15.95 -3.63
C HIS A 75 -19.37 -16.69 -4.89
N SER A 76 -19.80 -17.94 -5.07
CA SER A 76 -19.32 -18.74 -6.20
C SER A 76 -19.63 -18.08 -7.53
N LYS A 77 -20.79 -17.45 -7.65
CA LYS A 77 -21.18 -16.83 -8.90
C LYS A 77 -20.87 -15.32 -8.92
N ARG A 78 -19.95 -14.86 -8.08
CA ARG A 78 -19.60 -13.45 -7.99
C ARG A 78 -18.15 -13.23 -8.40
N SER A 79 -17.88 -12.08 -9.03
CA SER A 79 -16.52 -11.80 -9.52
C SER A 79 -15.60 -11.23 -8.43
N SER A 80 -16.14 -10.48 -7.49
CA SER A 80 -15.30 -9.75 -6.54
C SER A 80 -16.10 -9.44 -5.28
N PHE A 81 -15.42 -8.81 -4.33
CA PHE A 81 -16.05 -8.31 -3.13
C PHE A 81 -15.58 -6.88 -2.89
N VAL A 82 -16.48 -6.01 -2.43
CA VAL A 82 -16.10 -4.64 -2.12
C VAL A 82 -16.72 -4.26 -0.79
N CYS A 83 -15.89 -3.79 0.14
CA CYS A 83 -16.35 -3.34 1.44
C CYS A 83 -15.91 -1.90 1.67
N VAL A 84 -16.86 -1.04 2.03
CA VAL A 84 -16.60 0.39 2.20
C VAL A 84 -16.89 0.77 3.64
N LEU A 85 -15.99 1.55 4.25
CA LEU A 85 -16.00 1.84 5.67
C LEU A 85 -15.87 3.34 5.83
N LEU A 86 -16.96 4.00 6.19
CA LEU A 86 -16.97 5.43 6.47
C LEU A 86 -17.15 5.63 7.97
N SER A 87 -16.16 6.22 8.62
CA SER A 87 -16.15 6.30 10.09
C SER A 87 -14.97 7.13 10.57
N HIS A 88 -14.86 7.19 11.90
CA HIS A 88 -13.66 7.66 12.57
C HIS A 88 -12.67 6.50 12.62
N GLY A 89 -11.42 6.81 12.97
CA GLY A 89 -10.49 5.72 13.18
C GLY A 89 -9.14 6.20 13.65
N GLU A 90 -8.28 5.21 13.87
CA GLU A 90 -6.87 5.35 14.14
C GLU A 90 -6.16 4.36 13.24
N GLU A 91 -4.82 4.32 13.33
CA GLU A 91 -4.01 3.33 12.62
C GLU A 91 -4.56 1.93 12.85
N GLY A 92 -5.03 1.31 11.77
CA GLY A 92 -5.54 -0.05 11.80
C GLY A 92 -6.85 -0.25 12.52
N ILE A 93 -7.55 0.82 12.88
CA ILE A 93 -8.76 0.73 13.68
C ILE A 93 -9.89 1.47 12.98
N ILE A 94 -11.10 0.88 13.00
CA ILE A 94 -12.33 1.52 12.55
C ILE A 94 -13.28 1.62 13.75
N PHE A 95 -14.15 2.62 13.73
CA PHE A 95 -15.06 2.85 14.85
C PHE A 95 -16.48 2.43 14.48
N GLY A 96 -17.01 1.46 15.21
CA GLY A 96 -18.44 1.36 15.34
C GLY A 96 -18.98 2.54 16.12
N THR A 97 -20.32 2.65 16.16
CA THR A 97 -20.94 3.77 16.86
C THR A 97 -20.51 3.82 18.31
N ASN A 98 -20.20 2.67 18.90
CA ASN A 98 -19.95 2.57 20.34
C ASN A 98 -18.52 2.18 20.68
N GLY A 99 -17.59 2.22 19.72
CA GLY A 99 -16.20 1.95 20.03
C GLY A 99 -15.39 1.36 18.90
N PRO A 100 -14.09 1.20 19.13
CA PRO A 100 -13.18 0.78 18.06
C PRO A 100 -13.17 -0.73 17.86
N VAL A 101 -12.67 -1.12 16.70
CA VAL A 101 -12.52 -2.51 16.29
C VAL A 101 -11.38 -2.59 15.28
N ASP A 102 -10.51 -3.59 15.44
CA ASP A 102 -9.36 -3.73 14.54
C ASP A 102 -9.82 -4.00 13.12
N LEU A 103 -9.12 -3.39 12.16
CA LEU A 103 -9.43 -3.70 10.77
C LEU A 103 -9.12 -5.16 10.47
N LYS A 104 -8.07 -5.70 11.11
CA LYS A 104 -7.69 -7.09 10.87
C LYS A 104 -8.85 -8.04 11.17
N LYS A 105 -9.53 -7.84 12.31
CA LYS A 105 -10.68 -8.65 12.66
C LYS A 105 -11.71 -8.69 11.53
N ILE A 106 -12.08 -7.51 11.00
CA ILE A 106 -13.03 -7.43 9.90
C ILE A 106 -12.51 -8.16 8.66
N THR A 107 -11.25 -7.89 8.30
CA THR A 107 -10.75 -8.40 7.02
C THR A 107 -10.47 -9.90 7.07
N ASN A 108 -10.08 -10.43 8.23
CA ASN A 108 -9.69 -11.84 8.30
C ASN A 108 -10.83 -12.77 7.90
N PHE A 109 -12.09 -12.33 8.01
CA PHE A 109 -13.21 -13.12 7.55
C PHE A 109 -13.11 -13.46 6.07
N PHE A 110 -12.41 -12.65 5.28
CA PHE A 110 -12.37 -12.84 3.84
C PHE A 110 -11.04 -13.42 3.36
N ARG A 111 -10.16 -13.85 4.27
CA ARG A 111 -8.92 -14.48 3.89
C ARG A 111 -9.16 -15.69 2.99
N GLY A 112 -8.12 -16.03 2.22
CA GLY A 112 -8.28 -17.09 1.23
C GLY A 112 -8.72 -18.42 1.81
N ASP A 113 -8.39 -18.67 3.09
CA ASP A 113 -8.70 -19.93 3.75
C ASP A 113 -10.01 -19.89 4.52
N ARG A 114 -10.53 -18.71 4.83
CA ARG A 114 -11.74 -18.58 5.63
C ARG A 114 -12.96 -18.20 4.81
N CYS A 115 -12.78 -17.82 3.54
CA CYS A 115 -13.88 -17.51 2.64
C CYS A 115 -13.58 -18.18 1.31
N ARG A 116 -13.91 -19.46 1.22
CA ARG A 116 -13.45 -20.23 0.09
C ARG A 116 -14.12 -19.83 -1.23
N SER A 117 -15.30 -19.20 -1.17
CA SER A 117 -15.91 -18.74 -2.42
C SER A 117 -15.28 -17.47 -2.95
N LEU A 118 -14.40 -16.82 -2.20
CA LEU A 118 -13.71 -15.61 -2.67
C LEU A 118 -12.21 -15.84 -2.89
N THR A 119 -11.73 -17.08 -2.81
CA THR A 119 -10.31 -17.35 -3.00
C THR A 119 -9.88 -17.04 -4.42
N GLY A 120 -8.78 -16.28 -4.55
CA GLY A 120 -8.31 -15.87 -5.85
C GLY A 120 -9.16 -14.83 -6.54
N LYS A 121 -10.12 -14.26 -5.82
CA LYS A 121 -11.01 -13.21 -6.28
C LYS A 121 -10.68 -11.89 -5.58
N PRO A 122 -10.67 -10.78 -6.30
CA PRO A 122 -10.25 -9.51 -5.70
C PRO A 122 -11.20 -9.06 -4.60
N LYS A 123 -10.62 -8.80 -3.43
CA LYS A 123 -11.35 -8.34 -2.25
C LYS A 123 -10.93 -6.89 -1.97
N LEU A 124 -11.84 -5.94 -2.18
CA LEU A 124 -11.53 -4.51 -2.12
C LEU A 124 -12.05 -3.90 -0.82
N PHE A 125 -11.21 -3.15 -0.13
CA PHE A 125 -11.58 -2.51 1.12
C PHE A 125 -11.26 -1.03 1.01
N ILE A 126 -12.28 -0.22 0.85
CA ILE A 126 -12.16 1.24 0.78
C ILE A 126 -12.45 1.78 2.18
N ILE A 127 -11.51 2.56 2.72
CA ILE A 127 -11.59 2.98 4.11
C ILE A 127 -11.46 4.50 4.16
N GLN A 128 -12.54 5.16 4.58
CA GLN A 128 -12.56 6.61 4.76
C GLN A 128 -12.60 6.83 6.27
N ALA A 129 -11.42 6.99 6.86
CA ALA A 129 -11.28 7.10 8.31
C ALA A 129 -9.87 7.61 8.62
N CYS A 130 -9.72 8.13 9.82
CA CYS A 130 -8.43 8.68 10.23
C CYS A 130 -7.47 7.53 10.54
N ARG A 131 -6.19 7.81 10.33
CA ARG A 131 -5.13 6.84 10.62
C ARG A 131 -4.15 7.42 11.63
N GLY A 132 -4.59 8.38 12.42
CA GLY A 132 -3.73 9.11 13.33
C GLY A 132 -4.19 10.56 13.42
N THR A 133 -3.29 11.39 13.96
CA THR A 133 -3.62 12.78 14.27
C THR A 133 -2.59 13.75 13.71
N GLU A 134 -1.74 13.29 12.80
CA GLU A 134 -0.84 14.21 12.12
C GLU A 134 -1.56 14.94 10.99
N LEU A 135 -1.01 16.08 10.59
CA LEU A 135 -1.58 16.92 9.55
C LEU A 135 -0.51 17.17 8.50
N ASP A 136 -0.90 17.08 7.23
CA ASP A 136 0.04 17.34 6.15
C ASP A 136 0.05 18.84 5.85
N CYS A 137 1.20 19.47 6.06
CA CYS A 137 1.31 20.90 5.85
C CYS A 137 1.58 21.25 4.39
N GLY A 138 1.94 20.26 3.58
CA GLY A 138 2.18 20.49 2.17
C GLY A 138 3.39 21.35 1.94
N ILE A 139 3.61 21.64 0.65
CA ILE A 139 4.77 22.39 0.17
C ILE A 139 4.32 23.02 -1.15
N GLU A 140 4.95 24.13 -1.50
CA GLU A 140 4.54 24.90 -2.67
C GLU A 140 5.24 24.41 -3.93
N THR A 141 4.57 24.61 -5.07
CA THR A 141 5.10 24.28 -6.39
C THR A 141 6.08 25.34 -6.89
N HIS B 2 0.00 -24.28 -7.09
CA HIS B 2 -0.28 -25.13 -5.92
C HIS B 2 -1.08 -24.44 -4.79
N LYS B 3 -0.62 -23.28 -4.30
CA LYS B 3 -1.28 -22.57 -3.21
C LYS B 3 -1.05 -21.08 -3.38
N ILE B 4 -1.89 -20.28 -2.71
CA ILE B 4 -1.72 -18.82 -2.69
C ILE B 4 -1.71 -18.33 -1.24
N PRO B 5 -1.05 -17.22 -0.93
CA PRO B 5 -1.07 -16.71 0.44
C PRO B 5 -2.50 -16.38 0.85
N VAL B 6 -2.79 -16.57 2.14
CA VAL B 6 -4.16 -16.33 2.57
C VAL B 6 -4.43 -14.84 2.53
N GLU B 7 -3.37 -14.03 2.60
CA GLU B 7 -3.48 -12.58 2.50
C GLU B 7 -3.39 -12.08 1.06
N ALA B 8 -3.38 -12.97 0.07
CA ALA B 8 -3.30 -12.52 -1.30
C ALA B 8 -4.66 -12.00 -1.79
N ASP B 9 -4.60 -11.24 -2.88
CA ASP B 9 -5.79 -10.81 -3.61
C ASP B 9 -6.63 -9.79 -2.84
N PHE B 10 -6.00 -9.03 -1.94
CA PHE B 10 -6.63 -7.93 -1.21
C PHE B 10 -6.14 -6.60 -1.76
N LEU B 11 -7.00 -5.59 -1.68
CA LEU B 11 -6.65 -4.20 -2.00
C LEU B 11 -7.19 -3.33 -0.89
N TYR B 12 -6.34 -2.50 -0.30
CA TYR B 12 -6.78 -1.57 0.73
C TYR B 12 -6.58 -0.14 0.23
N ALA B 13 -7.68 0.50 -0.17
CA ALA B 13 -7.65 1.90 -0.60
C ALA B 13 -7.91 2.80 0.60
N TYR B 14 -6.85 3.25 1.27
CA TYR B 14 -7.00 4.12 2.42
C TYR B 14 -7.15 5.57 1.97
N SER B 15 -7.95 6.31 2.71
CA SER B 15 -8.21 7.70 2.33
C SER B 15 -7.02 8.61 2.59
N THR B 16 -5.99 8.12 3.29
CA THR B 16 -4.93 9.00 3.77
C THR B 16 -3.73 8.17 4.18
N ALA B 17 -2.59 8.84 4.23
CA ALA B 17 -1.34 8.18 4.57
C ALA B 17 -1.34 7.73 6.04
N PRO B 18 -0.56 6.70 6.38
CA PRO B 18 -0.55 6.21 7.76
C PRO B 18 -0.08 7.30 8.72
N GLY B 19 -0.83 7.45 9.81
CA GLY B 19 -0.53 8.40 10.85
C GLY B 19 -1.38 9.67 10.83
N TYR B 20 -2.26 9.82 9.84
CA TYR B 20 -2.75 11.13 9.42
C TYR B 20 -4.27 11.23 9.51
N TYR B 21 -4.73 12.47 9.67
CA TYR B 21 -6.14 12.78 9.56
C TYR B 21 -6.63 12.51 8.14
N SER B 22 -7.93 12.27 8.01
CA SER B 22 -8.59 12.25 6.73
C SER B 22 -9.67 13.32 6.75
N TRP B 23 -9.79 14.05 5.64
CA TRP B 23 -10.57 15.28 5.62
C TRP B 23 -11.93 15.06 4.97
N ARG B 24 -12.96 15.65 5.58
CA ARG B 24 -14.35 15.51 5.15
C ARG B 24 -14.97 16.90 5.09
N ASN B 25 -15.67 17.17 4.00
CA ASN B 25 -16.33 18.46 3.80
C ASN B 25 -17.83 18.29 4.00
N SER B 26 -18.42 19.23 4.74
CA SER B 26 -19.77 19.02 5.26
C SER B 26 -20.85 18.98 4.17
N LYS B 27 -20.59 19.57 3.00
CA LYS B 27 -21.58 19.63 1.93
C LYS B 27 -21.33 18.65 0.79
N ASP B 28 -20.07 18.36 0.45
CA ASP B 28 -19.77 17.51 -0.71
C ASP B 28 -19.25 16.13 -0.31
N GLY B 29 -19.06 15.86 0.97
CA GLY B 29 -18.51 14.60 1.41
C GLY B 29 -17.03 14.68 1.71
N SER B 30 -16.46 13.50 1.96
CA SER B 30 -15.03 13.39 2.20
C SER B 30 -14.25 13.62 0.91
N TRP B 31 -13.04 14.19 1.05
CA TRP B 31 -12.19 14.44 -0.11
C TRP B 31 -11.96 13.16 -0.90
N PHE B 32 -11.72 12.06 -0.18
CA PHE B 32 -11.33 10.81 -0.81
C PHE B 32 -12.50 10.20 -1.57
N ILE B 33 -13.65 10.06 -0.89
CA ILE B 33 -14.81 9.42 -1.53
C ILE B 33 -15.29 10.27 -2.70
N GLN B 34 -15.27 11.59 -2.53
CA GLN B 34 -15.62 12.49 -3.63
C GLN B 34 -14.73 12.25 -4.85
N SER B 35 -13.41 12.23 -4.62
CA SER B 35 -12.47 12.03 -5.72
C SER B 35 -12.57 10.61 -6.28
N LEU B 36 -12.78 9.61 -5.42
CA LEU B 36 -12.87 8.24 -5.93
C LEU B 36 -14.08 8.09 -6.86
N CYS B 37 -15.24 8.59 -6.44
CA CYS B 37 -16.44 8.41 -7.25
C CYS B 37 -16.32 9.15 -8.59
N ALA B 38 -15.82 10.39 -8.57
CA ALA B 38 -15.55 11.08 -9.83
C ALA B 38 -14.69 10.22 -10.76
N MET B 39 -13.54 9.76 -10.26
CA MET B 39 -12.59 9.03 -11.08
C MET B 39 -13.20 7.75 -11.62
N LEU B 40 -13.90 6.99 -10.77
CA LEU B 40 -14.57 5.78 -11.23
C LEU B 40 -15.55 6.09 -12.36
N LYS B 41 -16.43 7.08 -12.15
CA LYS B 41 -17.43 7.44 -13.16
C LYS B 41 -16.79 7.76 -14.51
N GLN B 42 -15.60 8.35 -14.49
CA GLN B 42 -14.95 8.81 -15.71
C GLN B 42 -14.06 7.76 -16.37
N TYR B 43 -13.59 6.78 -15.62
CA TYR B 43 -12.48 5.96 -16.07
C TYR B 43 -12.68 4.46 -15.95
N ALA B 44 -13.74 3.98 -15.29
CA ALA B 44 -13.85 2.56 -15.02
C ALA B 44 -14.03 1.72 -16.28
N ASP B 45 -14.38 2.34 -17.40
CA ASP B 45 -14.45 1.66 -18.69
C ASP B 45 -13.19 1.79 -19.54
N LYS B 46 -12.21 2.51 -19.07
CA LYS B 46 -11.01 2.70 -19.85
C LYS B 46 -9.76 2.24 -19.09
N LEU B 47 -9.72 2.45 -17.77
CA LEU B 47 -8.52 2.30 -16.97
C LEU B 47 -8.59 1.10 -16.03
N GLU B 48 -7.42 0.51 -15.77
CA GLU B 48 -7.26 -0.47 -14.71
C GLU B 48 -7.41 0.19 -13.34
N PHE B 49 -7.81 -0.61 -12.35
CA PHE B 49 -8.12 -0.05 -11.03
C PHE B 49 -6.95 0.76 -10.46
N MET B 50 -5.75 0.16 -10.36
CA MET B 50 -4.57 0.89 -9.87
C MET B 50 -4.49 2.30 -10.48
N HIS B 51 -4.63 2.38 -11.80
CA HIS B 51 -4.48 3.65 -12.49
C HIS B 51 -5.63 4.60 -12.19
N ILE B 52 -6.83 4.06 -11.95
CA ILE B 52 -7.90 4.92 -11.45
C ILE B 52 -7.53 5.47 -10.08
N LEU B 53 -7.03 4.60 -9.20
CA LEU B 53 -6.65 5.06 -7.86
C LEU B 53 -5.51 6.08 -7.90
N THR B 54 -4.58 5.96 -8.84
CA THR B 54 -3.51 6.94 -8.93
C THR B 54 -4.05 8.29 -9.33
N ARG B 55 -5.03 8.30 -10.23
CA ARG B 55 -5.70 9.57 -10.53
C ARG B 55 -6.46 10.07 -9.31
N VAL B 56 -7.02 9.17 -8.50
CA VAL B 56 -7.62 9.58 -7.23
C VAL B 56 -6.56 10.26 -6.35
N ASN B 57 -5.36 9.70 -6.31
CA ASN B 57 -4.30 10.31 -5.51
C ASN B 57 -4.00 11.73 -5.98
N ARG B 58 -3.81 11.92 -7.30
CA ARG B 58 -3.59 13.27 -7.84
C ARG B 58 -4.71 14.22 -7.45
N LYS B 59 -5.97 13.76 -7.52
CA LYS B 59 -7.08 14.70 -7.33
C LYS B 59 -7.15 15.18 -5.89
N VAL B 60 -7.05 14.23 -4.94
CA VAL B 60 -6.98 14.60 -3.54
C VAL B 60 -5.76 15.46 -3.27
N ALA B 61 -4.63 15.12 -3.89
CA ALA B 61 -3.39 15.83 -3.62
C ALA B 61 -3.43 17.26 -4.17
N THR B 62 -4.01 17.47 -5.34
CA THR B 62 -3.85 18.75 -6.00
C THR B 62 -5.07 19.66 -5.90
N GLU B 63 -6.28 19.12 -5.86
CA GLU B 63 -7.48 19.96 -5.91
C GLU B 63 -8.06 20.35 -4.56
N PHE B 64 -7.56 19.78 -3.45
CA PHE B 64 -8.15 19.99 -2.13
C PHE B 64 -7.16 20.63 -1.17
N GLU B 65 -7.66 21.60 -0.41
CA GLU B 65 -6.92 22.21 0.68
C GLU B 65 -7.89 22.64 1.75
N SER B 66 -7.51 22.45 3.01
CA SER B 66 -8.47 22.67 4.09
C SER B 66 -8.65 24.16 4.32
N PHE B 67 -9.84 24.52 4.79
CA PHE B 67 -10.11 25.87 5.22
C PHE B 67 -10.72 25.81 6.61
N SER B 68 -10.16 26.58 7.54
CA SER B 68 -10.59 26.51 8.92
C SER B 68 -10.30 27.81 9.64
N PHE B 69 -11.30 28.33 10.36
CA PHE B 69 -11.13 29.49 11.24
C PHE B 69 -10.09 29.22 12.33
N ASP B 70 -9.78 27.94 12.55
CA ASP B 70 -8.79 27.48 13.51
C ASP B 70 -7.45 27.32 12.80
N ALA B 71 -6.45 28.12 13.20
CA ALA B 71 -5.16 28.12 12.51
C ALA B 71 -4.56 26.73 12.41
N THR B 72 -4.67 25.92 13.48
CA THR B 72 -3.93 24.65 13.46
C THR B 72 -4.50 23.65 12.45
N PHE B 73 -5.76 23.81 12.03
CA PHE B 73 -6.36 22.94 11.03
C PHE B 73 -6.49 23.60 9.65
N HIS B 74 -5.80 24.71 9.41
CA HIS B 74 -6.00 25.48 8.19
C HIS B 74 -4.88 25.22 7.20
N ALA B 75 -5.22 25.19 5.92
CA ALA B 75 -4.25 25.05 4.82
C ALA B 75 -3.54 23.70 4.85
N LYS B 76 -4.27 22.64 5.20
CA LYS B 76 -3.71 21.31 5.28
C LYS B 76 -4.07 20.50 4.04
N LYS B 77 -3.15 19.60 3.67
CA LYS B 77 -3.29 18.74 2.50
C LYS B 77 -3.45 17.27 2.92
N GLN B 78 -3.68 16.41 1.92
CA GLN B 78 -3.96 14.99 2.13
C GLN B 78 -3.57 14.20 0.89
N ILE B 79 -3.00 13.01 1.10
CA ILE B 79 -2.62 12.09 0.04
C ILE B 79 -3.19 10.70 0.42
N PRO B 80 -4.00 10.08 -0.40
CA PRO B 80 -4.48 8.74 -0.03
C PRO B 80 -3.37 7.72 -0.15
N CYS B 81 -3.63 6.47 0.20
CA CYS B 81 -2.57 5.48 0.31
C CYS B 81 -3.09 4.14 -0.21
N ILE B 82 -2.68 3.77 -1.42
CA ILE B 82 -3.10 2.51 -2.02
C ILE B 82 -2.25 1.38 -1.47
N VAL B 83 -2.90 0.34 -0.98
CA VAL B 83 -2.19 -0.82 -0.46
C VAL B 83 -2.69 -2.06 -1.18
N SER B 84 -1.90 -2.53 -2.14
CA SER B 84 -2.28 -3.61 -3.05
C SER B 84 -1.53 -4.89 -2.69
N MET B 85 -2.28 -5.92 -2.33
CA MET B 85 -1.79 -7.30 -2.35
C MET B 85 -2.49 -8.09 -3.45
N LEU B 86 -2.95 -7.39 -4.48
CA LEU B 86 -3.56 -8.03 -5.63
C LEU B 86 -2.49 -8.75 -6.43
N THR B 87 -2.89 -9.82 -7.12
CA THR B 87 -1.95 -10.57 -7.94
C THR B 87 -2.23 -10.45 -9.43
N LYS B 88 -3.28 -9.75 -9.83
CA LYS B 88 -3.65 -9.58 -11.23
C LYS B 88 -4.18 -8.17 -11.44
N GLU B 89 -4.27 -7.76 -12.69
CA GLU B 89 -4.93 -6.50 -12.96
C GLU B 89 -6.46 -6.65 -12.88
N LEU B 90 -7.13 -5.52 -12.64
CA LEU B 90 -8.56 -5.52 -12.36
C LEU B 90 -9.22 -4.45 -13.21
N TYR B 91 -10.17 -4.86 -14.05
CA TYR B 91 -10.90 -4.00 -14.98
C TYR B 91 -12.39 -4.21 -14.76
N PHE B 92 -13.11 -3.15 -14.42
CA PHE B 92 -14.57 -3.23 -14.44
C PHE B 92 -15.14 -3.24 -15.85
N TYR B 93 -14.31 -2.98 -16.87
CA TYR B 93 -14.66 -3.13 -18.28
C TYR B 93 -14.74 -4.60 -18.67
N ASN C 2 -2.25 11.38 -16.64
CA ASN C 2 -0.88 11.86 -16.55
C ASN C 2 0.12 10.84 -15.99
N SER C 3 1.39 11.06 -16.33
CA SER C 3 2.51 10.25 -15.91
C SER C 3 3.72 11.15 -15.68
N TYR C 4 4.67 10.66 -14.89
CA TYR C 4 5.84 11.46 -14.49
C TYR C 4 6.76 11.74 -15.66
N LYS C 5 7.25 12.97 -15.70
CA LYS C 5 8.39 13.32 -16.54
C LYS C 5 9.58 12.40 -16.24
N MET C 6 9.98 11.56 -17.19
CA MET C 6 11.12 10.64 -16.99
C MET C 6 12.24 10.90 -17.98
N ASP C 7 12.27 12.06 -18.63
CA ASP C 7 13.29 12.36 -19.63
C ASP C 7 14.21 13.50 -19.18
N TYR C 8 14.42 13.62 -17.86
CA TYR C 8 15.48 14.47 -17.36
C TYR C 8 16.80 13.86 -17.85
N PRO C 9 17.92 14.58 -17.76
CA PRO C 9 19.18 14.02 -18.31
C PRO C 9 19.61 12.72 -17.66
N GLU C 10 19.24 12.49 -16.38
CA GLU C 10 19.50 11.21 -15.73
C GLU C 10 18.23 10.65 -15.11
N MET C 11 18.21 9.31 -15.02
CA MET C 11 17.10 8.56 -14.43
C MET C 11 17.00 8.84 -12.94
N GLY C 12 18.15 8.94 -12.27
CA GLY C 12 18.24 9.17 -10.85
C GLY C 12 19.22 8.21 -10.21
N LEU C 13 19.41 8.38 -8.90
CA LEU C 13 20.21 7.46 -8.11
C LEU C 13 19.43 6.19 -7.78
N CYS C 14 20.16 5.12 -7.51
CA CYS C 14 19.56 3.91 -6.97
C CYS C 14 20.50 3.42 -5.87
N ILE C 15 20.17 3.74 -4.62
CA ILE C 15 20.99 3.35 -3.48
C ILE C 15 20.57 1.95 -3.05
N ILE C 16 21.54 1.04 -2.99
CA ILE C 16 21.30 -0.32 -2.52
C ILE C 16 22.07 -0.51 -1.22
N ILE C 17 21.34 -0.73 -0.14
CA ILE C 17 21.92 -0.96 1.17
C ILE C 17 21.75 -2.44 1.49
N ASN C 18 22.86 -3.16 1.49
CA ASN C 18 22.87 -4.62 1.51
C ASN C 18 23.51 -5.10 2.80
N ASN C 19 22.70 -5.23 3.87
CA ASN C 19 23.19 -5.65 5.17
C ASN C 19 23.10 -7.17 5.32
N LYS C 20 24.26 -7.83 5.44
CA LYS C 20 24.35 -9.28 5.58
C LYS C 20 24.83 -9.74 6.94
N ASN C 21 25.79 -9.02 7.54
CA ASN C 21 26.51 -9.45 8.72
C ASN C 21 26.17 -8.53 9.89
N PHE C 22 25.35 -9.03 10.81
CA PHE C 22 24.86 -8.26 11.95
C PHE C 22 25.65 -8.61 13.20
N HIS C 23 25.81 -7.62 14.08
CA HIS C 23 26.51 -7.91 15.33
C HIS C 23 25.71 -8.92 16.14
N LYS C 24 26.42 -9.82 16.83
CA LYS C 24 25.72 -10.92 17.48
C LYS C 24 24.77 -10.42 18.58
N SER C 25 24.98 -9.22 19.11
CA SER C 25 24.15 -8.67 20.17
C SER C 25 22.83 -8.11 19.67
N THR C 26 22.65 -7.97 18.35
CA THR C 26 21.33 -7.71 17.81
C THR C 26 20.43 -8.93 17.82
N GLY C 27 21.00 -10.12 18.03
CA GLY C 27 20.25 -11.35 17.97
C GLY C 27 19.87 -11.78 16.57
N MET C 28 20.49 -11.21 15.54
CA MET C 28 20.14 -11.50 14.16
C MET C 28 21.18 -12.39 13.49
N THR C 29 20.70 -13.30 12.65
CA THR C 29 21.54 -14.23 11.93
C THR C 29 22.03 -13.57 10.63
N SER C 30 23.15 -14.08 10.10
CA SER C 30 23.55 -13.67 8.75
C SER C 30 22.43 -13.93 7.75
N ARG C 31 22.37 -13.08 6.73
CA ARG C 31 21.31 -13.15 5.72
C ARG C 31 21.91 -13.76 4.44
N SER C 32 21.96 -15.09 4.40
CA SER C 32 22.56 -15.77 3.25
C SER C 32 21.74 -15.51 2.00
N GLY C 33 22.43 -15.26 0.89
CA GLY C 33 21.80 -14.98 -0.38
C GLY C 33 21.61 -13.51 -0.68
N THR C 34 21.70 -12.64 0.33
CA THR C 34 21.52 -11.23 0.09
C THR C 34 22.52 -10.71 -0.94
N ASP C 35 23.72 -11.30 -1.00
CA ASP C 35 24.68 -10.87 -2.01
C ASP C 35 24.13 -11.13 -3.40
N VAL C 36 23.45 -12.28 -3.60
CA VAL C 36 22.81 -12.53 -4.88
C VAL C 36 21.81 -11.42 -5.18
N ASP C 37 21.02 -11.00 -4.18
CA ASP C 37 20.08 -9.90 -4.39
C ASP C 37 20.81 -8.64 -4.83
N ALA C 38 21.84 -8.22 -4.08
CA ALA C 38 22.48 -6.94 -4.34
C ALA C 38 23.09 -6.90 -5.74
N ALA C 39 23.54 -8.05 -6.24
CA ALA C 39 24.10 -8.11 -7.58
C ALA C 39 23.00 -8.08 -8.63
N ASN C 40 21.88 -8.76 -8.36
CA ASN C 40 20.72 -8.72 -9.26
C ASN C 40 20.18 -7.31 -9.41
N LEU C 41 20.02 -6.60 -8.29
CA LEU C 41 19.51 -5.24 -8.35
C LEU C 41 20.48 -4.33 -9.08
N ARG C 42 21.78 -4.49 -8.78
CA ARG C 42 22.78 -3.63 -9.41
C ARG C 42 22.69 -3.71 -10.91
N GLU C 43 22.49 -4.93 -11.44
CA GLU C 43 22.48 -5.10 -12.88
C GLU C 43 21.17 -4.66 -13.49
N THR C 44 20.06 -4.97 -12.83
CA THR C 44 18.76 -4.55 -13.32
C THR C 44 18.67 -3.03 -13.42
N PHE C 45 19.04 -2.34 -12.34
CA PHE C 45 18.93 -0.90 -12.39
C PHE C 45 20.01 -0.25 -13.25
N ARG C 46 21.14 -0.93 -13.46
CA ARG C 46 22.06 -0.49 -14.48
C ARG C 46 21.38 -0.41 -15.84
N ASN C 47 20.49 -1.37 -16.14
CA ASN C 47 19.84 -1.41 -17.44
C ASN C 47 18.70 -0.41 -17.56
N LEU C 48 18.11 0.02 -16.45
CA LEU C 48 17.15 1.09 -16.51
C LEU C 48 17.82 2.45 -16.54
N LYS C 49 19.15 2.46 -16.64
CA LYS C 49 19.99 3.67 -16.70
C LYS C 49 20.01 4.47 -15.38
N TYR C 50 20.05 3.77 -14.25
CA TYR C 50 20.15 4.41 -12.95
C TYR C 50 21.59 4.43 -12.46
N GLU C 51 21.97 5.52 -11.82
CA GLU C 51 23.26 5.56 -11.13
C GLU C 51 23.16 4.73 -9.86
N VAL C 52 23.72 3.53 -9.88
CA VAL C 52 23.63 2.63 -8.73
C VAL C 52 24.83 2.84 -7.81
N ARG C 53 24.54 3.12 -6.54
CA ARG C 53 25.53 3.12 -5.47
C ARG C 53 25.21 1.99 -4.51
N ASN C 54 26.11 1.00 -4.42
CA ASN C 54 25.97 -0.11 -3.49
C ASN C 54 26.66 0.23 -2.17
N LYS C 55 25.95 0.05 -1.06
CA LYS C 55 26.56 0.14 0.26
C LYS C 55 26.37 -1.19 0.98
N ASN C 56 27.38 -1.63 1.73
CA ASN C 56 27.34 -2.92 2.42
C ASN C 56 27.53 -2.74 3.93
N ASP C 57 26.78 -3.53 4.70
CA ASP C 57 26.98 -3.69 6.14
C ASP C 57 27.12 -2.35 6.87
N LEU C 58 26.07 -1.52 6.75
CA LEU C 58 26.01 -0.23 7.42
C LEU C 58 25.38 -0.33 8.80
N THR C 59 25.94 0.41 9.75
CA THR C 59 25.28 0.56 11.04
C THR C 59 24.03 1.43 10.87
N ARG C 60 23.17 1.41 11.89
CA ARG C 60 22.03 2.31 11.87
C ARG C 60 22.50 3.75 11.73
N GLU C 61 23.65 4.08 12.33
CA GLU C 61 24.22 5.42 12.21
C GLU C 61 24.59 5.72 10.76
N GLU C 62 25.38 4.85 10.14
CA GLU C 62 25.80 5.11 8.77
C GLU C 62 24.60 5.21 7.83
N ILE C 63 23.52 4.48 8.11
CA ILE C 63 22.35 4.55 7.24
C ILE C 63 21.73 5.94 7.30
N VAL C 64 21.52 6.45 8.52
CA VAL C 64 20.91 7.77 8.67
C VAL C 64 21.83 8.86 8.14
N GLU C 65 23.15 8.71 8.30
CA GLU C 65 24.04 9.71 7.73
C GLU C 65 24.18 9.54 6.23
N LEU C 66 23.91 8.36 5.68
CA LEU C 66 23.91 8.24 4.24
C LEU C 66 22.65 8.86 3.65
N MET C 67 21.50 8.56 4.25
CA MET C 67 20.24 9.11 3.79
C MET C 67 20.21 10.62 3.92
N ARG C 68 20.70 11.15 5.05
CA ARG C 68 20.84 12.60 5.16
C ARG C 68 21.66 13.15 4.00
N ASP C 69 22.89 12.65 3.82
CA ASP C 69 23.77 13.16 2.77
C ASP C 69 23.10 13.11 1.40
N VAL C 70 22.53 11.94 1.04
CA VAL C 70 21.92 11.75 -0.28
C VAL C 70 20.76 12.73 -0.49
N SER C 71 19.98 13.00 0.56
CA SER C 71 18.85 13.91 0.43
C SER C 71 19.26 15.36 0.30
N LYS C 72 20.54 15.67 0.57
CA LYS C 72 21.05 17.02 0.39
C LYS C 72 21.82 17.16 -0.93
N GLU C 73 21.83 16.13 -1.76
CA GLU C 73 22.35 16.28 -3.11
C GLU C 73 21.38 17.10 -3.96
N ASP C 74 21.84 17.48 -5.15
CA ASP C 74 21.00 18.24 -6.06
C ASP C 74 20.41 17.25 -7.06
N HIS C 75 19.11 17.00 -6.96
CA HIS C 75 18.45 16.04 -7.84
C HIS C 75 17.80 16.69 -9.05
N SER C 76 18.10 17.97 -9.32
CA SER C 76 17.44 18.72 -10.37
C SER C 76 17.46 18.02 -11.72
N LYS C 77 18.63 17.53 -12.14
CA LYS C 77 18.72 16.90 -13.45
C LYS C 77 18.42 15.39 -13.41
N ARG C 78 17.80 14.90 -12.34
CA ARG C 78 17.43 13.50 -12.18
C ARG C 78 15.91 13.33 -12.18
N SER C 79 15.44 12.25 -12.82
CA SER C 79 14.00 12.04 -12.96
C SER C 79 13.34 11.47 -11.71
N SER C 80 14.08 10.71 -10.91
CA SER C 80 13.47 9.92 -9.84
C SER C 80 14.53 9.54 -8.83
N PHE C 81 14.09 8.89 -7.76
CA PHE C 81 15.00 8.39 -6.73
C PHE C 81 14.53 7.01 -6.30
N VAL C 82 15.47 6.06 -6.26
CA VAL C 82 15.19 4.69 -5.86
C VAL C 82 16.11 4.32 -4.73
N CYS C 83 15.57 3.63 -3.72
CA CYS C 83 16.34 3.21 -2.56
C CYS C 83 15.93 1.79 -2.20
N VAL C 84 16.92 0.92 -2.02
CA VAL C 84 16.67 -0.50 -1.84
C VAL C 84 17.29 -0.92 -0.52
N LEU C 85 16.45 -1.34 0.43
CA LEU C 85 16.90 -1.73 1.77
C LEU C 85 16.78 -3.24 1.90
N LEU C 86 17.93 -3.92 1.96
CA LEU C 86 17.98 -5.37 2.20
C LEU C 86 18.54 -5.61 3.59
N SER C 87 17.75 -6.26 4.44
CA SER C 87 18.16 -6.40 5.83
C SER C 87 17.08 -7.13 6.62
N HIS C 88 17.38 -7.41 7.89
CA HIS C 88 16.33 -7.81 8.81
C HIS C 88 15.36 -6.65 9.03
N GLY C 89 14.19 -6.98 9.54
CA GLY C 89 13.29 -5.89 9.86
C GLY C 89 12.23 -6.29 10.85
N GLU C 90 11.35 -5.33 11.08
CA GLU C 90 10.13 -5.48 11.86
C GLU C 90 9.20 -4.41 11.32
N GLU C 91 7.92 -4.51 11.69
CA GLU C 91 6.94 -3.56 11.17
C GLU C 91 7.37 -2.13 11.45
N GLY C 92 7.64 -1.38 10.38
CA GLY C 92 8.09 0.00 10.44
C GLY C 92 9.55 0.18 10.74
N ILE C 93 10.35 -0.88 10.71
CA ILE C 93 11.70 -0.86 11.25
C ILE C 93 12.64 -1.62 10.32
N ILE C 94 13.77 -0.99 10.02
CA ILE C 94 14.87 -1.64 9.31
C ILE C 94 16.02 -1.80 10.30
N PHE C 95 17.00 -2.64 9.93
CA PHE C 95 18.11 -2.96 10.82
C PHE C 95 19.43 -2.56 10.18
N GLY C 96 20.12 -1.61 10.81
CA GLY C 96 21.55 -1.50 10.62
C GLY C 96 22.26 -2.70 11.26
N THR C 97 23.54 -2.84 10.95
CA THR C 97 24.25 -4.02 11.43
C THR C 97 24.31 -4.10 12.95
N ASN C 98 23.87 -3.07 13.68
CA ASN C 98 24.07 -3.02 15.11
C ASN C 98 22.83 -2.51 15.86
N GLY C 99 21.65 -2.62 15.26
CA GLY C 99 20.44 -2.12 15.88
C GLY C 99 19.44 -1.62 14.86
N PRO C 100 18.24 -1.25 15.32
CA PRO C 100 17.16 -0.94 14.38
C PRO C 100 16.94 0.55 14.12
N VAL C 101 16.49 0.87 12.90
CA VAL C 101 16.12 2.22 12.48
C VAL C 101 14.64 2.25 12.15
N ASP C 102 13.98 3.33 12.52
CA ASP C 102 12.63 3.58 12.03
C ASP C 102 12.67 3.82 10.53
N LEU C 103 11.76 3.20 9.78
CA LEU C 103 11.65 3.53 8.37
C LEU C 103 11.21 4.97 8.16
N LYS C 104 10.26 5.48 8.96
CA LYS C 104 9.84 6.87 8.81
C LYS C 104 11.05 7.80 8.87
N LYS C 105 11.99 7.52 9.77
CA LYS C 105 13.15 8.40 9.87
C LYS C 105 13.93 8.45 8.57
N ILE C 106 14.08 7.29 7.91
CA ILE C 106 14.85 7.23 6.67
C ILE C 106 14.13 7.98 5.55
N THR C 107 12.84 7.72 5.38
CA THR C 107 12.11 8.30 4.26
C THR C 107 11.84 9.80 4.46
N ASN C 108 11.77 10.28 5.71
CA ASN C 108 11.40 11.67 5.95
C ASN C 108 12.42 12.65 5.40
N PHE C 109 13.65 12.20 5.18
CA PHE C 109 14.64 13.09 4.59
C PHE C 109 14.23 13.52 3.19
N PHE C 110 13.48 12.66 2.49
CA PHE C 110 13.05 12.92 1.12
C PHE C 110 11.62 13.47 1.04
N ARG C 111 11.04 13.85 2.18
CA ARG C 111 9.70 14.43 2.19
C ARG C 111 9.66 15.70 1.35
N GLY C 112 8.48 16.01 0.84
CA GLY C 112 8.36 17.08 -0.15
C GLY C 112 9.02 18.37 0.30
N ASP C 113 8.92 18.68 1.59
CA ASP C 113 9.42 19.92 2.17
C ASP C 113 10.87 19.84 2.65
N ARG C 114 11.47 18.65 2.65
CA ARG C 114 12.86 18.50 3.08
C ARG C 114 13.84 18.23 1.95
N CYS C 115 13.39 17.66 0.83
CA CYS C 115 14.25 17.40 -0.32
C CYS C 115 13.63 18.06 -1.55
N ARG C 116 13.88 19.37 -1.69
CA ARG C 116 13.14 20.15 -2.69
C ARG C 116 13.49 19.76 -4.12
N SER C 117 14.71 19.30 -4.39
CA SER C 117 15.00 18.92 -5.76
C SER C 117 14.41 17.57 -6.13
N LEU C 118 13.70 16.89 -5.23
CA LEU C 118 12.91 15.72 -5.61
C LEU C 118 11.41 15.99 -5.54
N THR C 119 11.00 17.22 -5.26
CA THR C 119 9.57 17.53 -5.14
C THR C 119 8.85 17.31 -6.48
N GLY C 120 7.74 16.59 -6.44
CA GLY C 120 7.03 16.28 -7.66
C GLY C 120 7.56 15.09 -8.41
N LYS C 121 8.71 14.53 -7.99
CA LYS C 121 9.38 13.39 -8.59
C LYS C 121 9.18 12.13 -7.75
N PRO C 122 8.97 10.99 -8.41
CA PRO C 122 8.68 9.76 -7.68
C PRO C 122 9.91 9.27 -6.91
N LYS C 123 9.64 8.78 -5.71
CA LYS C 123 10.68 8.29 -4.80
C LYS C 123 10.28 6.87 -4.43
N LEU C 124 10.97 5.88 -5.01
CA LEU C 124 10.66 4.47 -4.79
C LEU C 124 11.51 3.90 -3.66
N PHE C 125 10.88 3.16 -2.75
CA PHE C 125 11.58 2.49 -1.66
C PHE C 125 11.25 1.01 -1.70
N ILE C 126 12.22 0.19 -2.07
CA ILE C 126 12.07 -1.25 -2.17
C ILE C 126 12.67 -1.88 -0.92
N ILE C 127 11.85 -2.60 -0.16
CA ILE C 127 12.20 -3.02 1.19
C ILE C 127 12.08 -4.54 1.27
N GLN C 128 13.21 -5.20 1.50
CA GLN C 128 13.28 -6.64 1.67
C GLN C 128 13.62 -6.89 3.14
N ALA C 129 12.61 -7.16 3.95
CA ALA C 129 12.73 -7.20 5.40
C ALA C 129 11.46 -7.81 6.00
N CYS C 130 11.62 -8.43 7.16
CA CYS C 130 10.47 -8.90 7.90
C CYS C 130 9.70 -7.70 8.44
N ARG C 131 8.38 -7.86 8.54
CA ARG C 131 7.50 -6.85 9.10
C ARG C 131 6.75 -7.43 10.29
N GLY C 132 7.33 -8.42 10.92
CA GLY C 132 6.65 -9.19 11.94
C GLY C 132 7.15 -10.63 11.93
N THR C 133 6.40 -11.49 12.63
CA THR C 133 6.74 -12.90 12.76
C THR C 133 5.54 -13.79 12.48
N GLU C 134 4.59 -13.31 11.69
CA GLU C 134 3.47 -14.13 11.26
C GLU C 134 3.87 -14.88 9.99
N LEU C 135 3.32 -16.08 9.84
CA LEU C 135 3.62 -16.96 8.71
C LEU C 135 2.35 -17.16 7.91
N ASP C 136 2.44 -17.07 6.58
CA ASP C 136 1.26 -17.26 5.74
C ASP C 136 1.11 -18.74 5.42
N CYS C 137 0.07 -19.36 5.97
CA CYS C 137 -0.15 -20.79 5.82
C CYS C 137 -0.66 -21.18 4.45
N GLY C 138 -1.09 -20.22 3.65
CA GLY C 138 -1.56 -20.50 2.30
C GLY C 138 -2.88 -21.25 2.31
N ILE C 139 -3.40 -21.45 1.10
CA ILE C 139 -4.60 -22.24 0.86
C ILE C 139 -4.51 -22.84 -0.53
N GLU C 140 -4.97 -24.08 -0.66
CA GLU C 140 -4.88 -24.78 -1.93
C GLU C 140 -5.86 -24.20 -2.94
N THR C 141 -5.53 -24.37 -4.22
CA THR C 141 -6.38 -23.88 -5.29
C THR C 141 -6.55 -24.92 -6.39
N HIS D 2 -1.24 24.70 -6.65
CA HIS D 2 -0.87 25.45 -5.45
C HIS D 2 0.15 24.70 -4.55
N LYS D 3 -0.31 23.68 -3.81
CA LYS D 3 0.53 22.87 -2.93
C LYS D 3 0.27 21.39 -3.21
N ILE D 4 1.23 20.54 -2.84
CA ILE D 4 1.03 19.08 -2.81
C ILE D 4 1.35 18.55 -1.42
N PRO D 5 0.77 17.44 -0.99
CA PRO D 5 1.09 16.92 0.35
C PRO D 5 2.56 16.52 0.41
N VAL D 6 3.19 16.74 1.56
CA VAL D 6 4.61 16.43 1.66
C VAL D 6 4.86 14.94 1.59
N GLU D 7 3.86 14.12 1.96
CA GLU D 7 3.97 12.67 1.85
C GLU D 7 3.57 12.17 0.46
N ALA D 8 3.08 13.05 -0.40
CA ALA D 8 2.78 12.61 -1.76
C ALA D 8 4.06 12.11 -2.46
N ASP D 9 3.85 11.26 -3.46
CA ASP D 9 4.83 10.92 -4.48
C ASP D 9 5.89 9.96 -3.95
N PHE D 10 5.55 9.21 -2.91
CA PHE D 10 6.33 8.10 -2.40
C PHE D 10 5.66 6.81 -2.86
N LEU D 11 6.47 5.79 -3.13
CA LEU D 11 5.96 4.45 -3.37
C LEU D 11 6.85 3.50 -2.57
N TYR D 12 6.25 2.74 -1.67
CA TYR D 12 6.98 1.77 -0.86
C TYR D 12 6.58 0.38 -1.34
N ALA D 13 7.53 -0.37 -1.86
CA ALA D 13 7.29 -1.72 -2.32
C ALA D 13 7.86 -2.68 -1.28
N TYR D 14 6.99 -3.16 -0.39
CA TYR D 14 7.44 -4.08 0.65
C TYR D 14 7.45 -5.51 0.13
N SER D 15 8.40 -6.29 0.63
CA SER D 15 8.54 -7.68 0.20
C SER D 15 7.41 -8.56 0.71
N THR D 16 6.63 -8.09 1.68
CA THR D 16 5.70 -8.96 2.38
C THR D 16 4.61 -8.13 3.04
N ALA D 17 3.49 -8.82 3.30
CA ALA D 17 2.33 -8.22 3.93
C ALA D 17 2.67 -7.68 5.33
N PRO D 18 1.90 -6.72 5.84
CA PRO D 18 2.22 -6.16 7.18
C PRO D 18 2.02 -7.19 8.27
N GLY D 19 3.04 -7.37 9.09
CA GLY D 19 3.01 -8.30 10.20
C GLY D 19 3.72 -9.61 9.94
N TYR D 20 4.14 -9.87 8.70
CA TYR D 20 4.56 -11.18 8.25
C TYR D 20 6.06 -11.22 7.99
N TYR D 21 6.60 -12.44 8.10
CA TYR D 21 7.97 -12.73 7.68
C TYR D 21 8.14 -12.48 6.19
N SER D 22 9.39 -12.35 5.77
CA SER D 22 9.75 -12.27 4.37
C SER D 22 10.83 -13.33 4.10
N TRP D 23 10.59 -14.18 3.09
CA TRP D 23 11.46 -15.33 2.87
C TRP D 23 12.61 -15.01 1.91
N ARG D 24 13.75 -15.64 2.17
CA ARG D 24 14.95 -15.48 1.36
C ARG D 24 15.63 -16.82 1.20
N ASN D 25 15.91 -17.21 -0.04
CA ASN D 25 16.55 -18.49 -0.34
C ASN D 25 18.06 -18.29 -0.40
N SER D 26 18.80 -19.17 0.30
CA SER D 26 20.20 -18.88 0.58
C SER D 26 21.07 -18.83 -0.68
N LYS D 27 20.60 -19.40 -1.79
CA LYS D 27 21.37 -19.42 -3.02
C LYS D 27 20.80 -18.52 -4.11
N ASP D 28 19.48 -18.45 -4.26
CA ASP D 28 18.86 -17.68 -5.33
C ASP D 28 18.52 -16.24 -4.95
N GLY D 29 18.58 -15.90 -3.66
CA GLY D 29 18.21 -14.58 -3.17
C GLY D 29 16.86 -14.60 -2.49
N SER D 30 16.41 -13.41 -2.09
CA SER D 30 15.07 -13.31 -1.54
C SER D 30 14.03 -13.49 -2.66
N TRP D 31 12.91 -14.14 -2.31
CA TRP D 31 11.83 -14.36 -3.27
C TRP D 31 11.44 -13.05 -3.94
N PHE D 32 11.26 -12.01 -3.13
CA PHE D 32 10.79 -10.72 -3.64
C PHE D 32 11.75 -10.14 -4.66
N ILE D 33 13.03 -10.00 -4.28
CA ILE D 33 14.00 -9.38 -5.18
C ILE D 33 14.25 -10.25 -6.40
N GLN D 34 14.22 -11.58 -6.25
CA GLN D 34 14.28 -12.45 -7.42
C GLN D 34 13.24 -12.00 -8.43
N SER D 35 11.98 -11.99 -7.97
CA SER D 35 10.85 -11.75 -8.87
C SER D 35 10.81 -10.31 -9.34
N LEU D 36 11.12 -9.36 -8.47
CA LEU D 36 11.21 -7.97 -8.91
C LEU D 36 12.21 -7.81 -10.05
N CYS D 37 13.42 -8.37 -9.91
CA CYS D 37 14.41 -8.24 -10.97
C CYS D 37 13.96 -8.92 -12.25
N ALA D 38 13.44 -10.15 -12.14
CA ALA D 38 12.86 -10.82 -13.30
C ALA D 38 11.81 -9.94 -13.98
N MET D 39 10.82 -9.47 -13.20
CA MET D 39 9.67 -8.78 -13.80
C MET D 39 10.10 -7.45 -14.44
N LEU D 40 11.12 -6.80 -13.88
CA LEU D 40 11.66 -5.61 -14.53
C LEU D 40 12.37 -5.98 -15.84
N LYS D 41 13.11 -7.09 -15.86
CA LYS D 41 13.89 -7.45 -17.04
C LYS D 41 13.01 -7.60 -18.28
N GLN D 42 11.82 -8.17 -18.15
CA GLN D 42 11.01 -8.34 -19.37
C GLN D 42 9.95 -7.27 -19.57
N TYR D 43 9.54 -6.53 -18.52
CA TYR D 43 8.40 -5.64 -18.63
C TYR D 43 8.70 -4.16 -18.43
N ALA D 44 9.91 -3.76 -18.03
CA ALA D 44 10.14 -2.34 -17.81
C ALA D 44 10.01 -1.53 -19.10
N ASP D 45 10.11 -2.18 -20.24
CA ASP D 45 9.98 -1.54 -21.55
C ASP D 45 8.55 -1.60 -22.10
N LYS D 46 7.67 -2.40 -21.50
CA LYS D 46 6.31 -2.49 -22.01
C LYS D 46 5.24 -2.11 -21.00
N LEU D 47 5.57 -1.95 -19.71
CA LEU D 47 4.57 -1.87 -18.66
C LEU D 47 4.86 -0.70 -17.71
N GLU D 48 3.79 -0.16 -17.15
CA GLU D 48 3.86 0.82 -16.08
C GLU D 48 4.24 0.15 -14.76
N PHE D 49 4.98 0.87 -13.93
CA PHE D 49 5.57 0.30 -12.72
C PHE D 49 4.57 -0.47 -11.88
N MET D 50 3.40 0.13 -11.58
CA MET D 50 2.41 -0.54 -10.74
C MET D 50 2.04 -1.89 -11.33
N HIS D 51 1.95 -1.99 -12.66
CA HIS D 51 1.58 -3.26 -13.26
C HIS D 51 2.72 -4.25 -13.18
N ILE D 52 3.97 -3.76 -13.21
CA ILE D 52 5.10 -4.64 -12.98
C ILE D 52 5.08 -5.16 -11.55
N LEU D 53 4.82 -4.29 -10.56
CA LEU D 53 4.79 -4.76 -9.18
C LEU D 53 3.70 -5.81 -8.95
N THR D 54 2.53 -5.62 -9.58
CA THR D 54 1.46 -6.61 -9.54
C THR D 54 1.92 -7.95 -10.08
N ARG D 55 2.55 -7.93 -11.27
CA ARG D 55 3.23 -9.11 -11.80
C ARG D 55 4.19 -9.70 -10.78
N VAL D 56 5.02 -8.85 -10.14
CA VAL D 56 5.89 -9.31 -9.06
C VAL D 56 5.07 -10.00 -7.98
N ASN D 57 3.88 -9.48 -7.69
CA ASN D 57 3.06 -10.07 -6.64
C ASN D 57 2.59 -11.47 -6.99
N ARG D 58 2.14 -11.70 -8.23
CA ARG D 58 1.73 -13.04 -8.65
C ARG D 58 2.90 -14.02 -8.61
N LYS D 59 4.09 -13.59 -9.03
CA LYS D 59 5.24 -14.50 -9.04
C LYS D 59 5.56 -14.98 -7.63
N VAL D 60 5.64 -14.04 -6.69
CA VAL D 60 5.94 -14.39 -5.30
C VAL D 60 4.83 -15.23 -4.71
N ALA D 61 3.59 -14.92 -5.07
CA ALA D 61 2.45 -15.64 -4.50
C ALA D 61 2.33 -17.04 -5.09
N THR D 62 2.63 -17.22 -6.37
CA THR D 62 2.29 -18.49 -6.97
C THR D 62 3.47 -19.44 -7.13
N GLU D 63 4.70 -18.96 -7.33
CA GLU D 63 5.79 -19.86 -7.68
C GLU D 63 6.70 -20.23 -6.53
N PHE D 64 6.59 -19.58 -5.38
CA PHE D 64 7.45 -19.84 -4.25
C PHE D 64 6.65 -20.47 -3.12
N GLU D 65 7.34 -21.33 -2.37
CA GLU D 65 6.75 -22.13 -1.30
C GLU D 65 7.89 -22.64 -0.43
N SER D 66 7.85 -22.33 0.86
CA SER D 66 8.96 -22.62 1.72
C SER D 66 9.14 -24.12 1.89
N PHE D 67 10.40 -24.51 2.07
CA PHE D 67 10.75 -25.87 2.41
C PHE D 67 11.58 -25.82 3.68
N SER D 68 11.26 -26.67 4.65
CA SER D 68 11.93 -26.56 5.93
C SER D 68 11.77 -27.86 6.73
N PHE D 69 12.85 -28.26 7.41
CA PHE D 69 12.77 -29.43 8.27
C PHE D 69 11.95 -29.15 9.52
N ASP D 70 11.82 -27.89 9.89
CA ASP D 70 10.92 -27.48 10.97
C ASP D 70 9.52 -27.34 10.42
N ALA D 71 8.61 -28.20 10.84
CA ALA D 71 7.24 -28.12 10.35
C ALA D 71 6.60 -26.77 10.64
N THR D 72 7.13 -26.01 11.60
CA THR D 72 6.55 -24.69 11.87
C THR D 72 6.83 -23.72 10.74
N PHE D 73 7.92 -23.91 9.99
CA PHE D 73 8.30 -23.03 8.90
C PHE D 73 8.13 -23.64 7.52
N HIS D 74 7.43 -24.77 7.40
CA HIS D 74 7.36 -25.50 6.14
C HIS D 74 6.05 -25.21 5.40
N ALA D 75 6.16 -25.13 4.06
CA ALA D 75 5.01 -24.93 3.19
C ALA D 75 4.32 -23.58 3.46
N LYS D 76 5.13 -22.56 3.71
CA LYS D 76 4.66 -21.22 4.00
C LYS D 76 4.70 -20.37 2.74
N LYS D 77 3.74 -19.47 2.61
CA LYS D 77 3.60 -18.59 1.47
C LYS D 77 3.92 -17.15 1.86
N GLN D 78 3.82 -16.25 0.87
CA GLN D 78 4.19 -14.85 1.07
C GLN D 78 3.61 -14.02 -0.06
N ILE D 79 3.06 -12.85 0.29
CA ILE D 79 2.54 -11.88 -0.70
C ILE D 79 3.16 -10.53 -0.44
N PRO D 80 3.81 -9.89 -1.42
CA PRO D 80 4.39 -8.57 -1.18
C PRO D 80 3.29 -7.53 -1.02
N CYS D 81 3.64 -6.27 -0.79
CA CYS D 81 2.62 -5.29 -0.41
C CYS D 81 3.02 -3.95 -1.03
N ILE D 82 2.29 -3.56 -2.09
CA ILE D 82 2.53 -2.29 -2.74
C ILE D 82 1.81 -1.17 -1.99
N VAL D 83 2.56 -0.14 -1.63
CA VAL D 83 2.03 1.01 -0.94
C VAL D 83 2.37 2.22 -1.79
N SER D 84 1.37 2.71 -2.54
CA SER D 84 1.55 3.76 -3.53
C SER D 84 0.90 5.03 -3.04
N MET D 85 1.72 6.04 -2.77
CA MET D 85 1.26 7.39 -2.56
C MET D 85 1.62 8.27 -3.75
N LEU D 86 1.72 7.65 -4.94
CA LEU D 86 2.10 8.34 -6.15
C LEU D 86 0.90 9.01 -6.79
N THR D 87 1.17 10.06 -7.56
CA THR D 87 0.10 10.84 -8.17
C THR D 87 0.04 10.68 -9.69
N LYS D 88 1.05 10.08 -10.31
CA LYS D 88 1.08 9.90 -11.75
C LYS D 88 1.53 8.48 -12.05
N GLU D 89 1.39 8.07 -13.31
CA GLU D 89 1.90 6.79 -13.76
C GLU D 89 3.41 6.89 -13.98
N LEU D 90 4.11 5.77 -13.78
CA LEU D 90 5.57 5.71 -13.82
C LEU D 90 5.99 4.72 -14.89
N TYR D 91 6.58 5.22 -15.98
CA TYR D 91 7.13 4.39 -17.02
C TYR D 91 8.64 4.59 -17.09
N PHE D 92 9.39 3.50 -17.21
CA PHE D 92 10.83 3.62 -17.35
C PHE D 92 11.24 3.84 -18.80
N TYR D 93 10.47 4.60 -19.57
CA TYR D 93 10.86 4.90 -20.95
C TYR D 93 10.12 6.13 -21.50
N PRO E 4 -14.66 18.20 11.00
CA PRO E 4 -14.18 18.17 9.62
C PRO E 4 -13.16 17.05 9.34
N VAL E 5 -12.53 16.51 10.39
CA VAL E 5 -11.59 15.40 10.24
C VAL E 5 -12.30 14.08 10.55
N ASA E 6 -11.59 12.97 10.39
CA ASA E 6 -12.21 11.64 10.37
C ASA E 6 -11.33 10.51 10.90
O ASA E 6 -11.52 10.06 12.03
CB ASA E 6 -12.58 11.24 8.94
CG ASA E 6 -14.05 11.17 8.72
OD1 ASA E 6 -14.45 10.77 7.60
OD2 ASA E 6 -14.81 11.47 9.67
N PRO F 4 16.54 -18.41 7.22
CA PRO F 4 16.06 -18.25 5.84
C PRO F 4 14.89 -17.28 5.84
N VAL F 5 14.85 -16.44 6.86
CA VAL F 5 13.72 -15.54 7.09
C VAL F 5 14.25 -14.19 7.54
N ASA F 6 13.54 -13.13 7.16
CA ASA F 6 14.09 -11.78 7.20
C ASA F 6 13.33 -10.74 8.00
O ASA F 6 13.87 -10.20 8.97
CB ASA F 6 14.17 -11.22 5.79
CG ASA F 6 15.53 -11.29 5.20
OD1 ASA F 6 16.47 -11.72 5.92
OD2 ASA F 6 15.66 -10.87 4.02
#